data_4HXW
#
_entry.id   4HXW
#
_cell.length_a   54.833
_cell.length_b   58.757
_cell.length_c   66.136
_cell.angle_alpha   90.00
_cell.angle_beta   90.00
_cell.angle_gamma   90.00
#
_symmetry.space_group_name_H-M   'P 21 21 21'
#
loop_
_entity.id
_entity.type
_entity.pdbx_description
1 polymer 'DNA gyrase subunit B'
2 non-polymer (3R)-1-[5-chloro-6-ethyl-2-(pyrido[2,3-b]pyrazin-7-ylsulfanyl)-7H-pyrrolo[2,3-d]pyrimidin-4-yl]pyrrolidin-3-amine
3 non-polymer 'TERTIARY-BUTYL ALCOHOL'
4 water water
#
_entity_poly.entity_id   1
_entity_poly.type   'polypeptide(L)'
_entity_poly.pdbx_seq_one_letter_code
;GLEAVRKRPGMYIGSTSGEGLHHLVWEIVDNSIDEALAGFAKSIQVIIEPDDSITVIDDGRGIPVGIQAKTGRPAVETVF
TVLHAGGKFGGGGYKVSGGLHGVGSSVVNALSTSLDVRVYKDGKVYYQEYRRGAVVDDLKVIEETDRHGTTVHFIPDPEI
FTETTVYDFDKLATRVRELAFLNRGLHISIEDRREGQEDKKEYHYEGLEHHHHHH
;
_entity_poly.pdbx_strand_id   A
#
# COMPACT_ATOMS: atom_id res chain seq x y z
N GLY A 1 7.78 2.36 -20.02
CA GLY A 1 6.95 1.75 -18.93
C GLY A 1 6.43 2.77 -17.92
N LEU A 2 6.94 2.69 -16.69
CA LEU A 2 6.51 3.58 -15.61
C LEU A 2 6.88 5.04 -15.82
N GLU A 3 7.87 5.32 -16.67
CA GLU A 3 8.16 6.72 -17.00
C GLU A 3 6.95 7.41 -17.62
N ALA A 4 6.17 6.68 -18.40
CA ALA A 4 4.93 7.20 -18.97
C ALA A 4 3.96 7.64 -17.86
N VAL A 5 3.93 6.89 -16.77
CA VAL A 5 3.08 7.23 -15.62
C VAL A 5 3.52 8.55 -14.97
N ARG A 6 4.84 8.72 -14.83
CA ARG A 6 5.37 9.94 -14.20
C ARG A 6 5.13 11.19 -15.04
N LYS A 7 5.06 11.02 -16.36
CA LYS A 7 4.87 12.14 -17.28
C LYS A 7 3.39 12.45 -17.55
N ARG A 8 2.54 11.42 -17.53
CA ARG A 8 1.10 11.62 -17.66
C ARG A 8 0.30 11.01 -16.51
N PRO A 9 0.58 11.45 -15.28
CA PRO A 9 -0.12 10.87 -14.12
C PRO A 9 -1.63 11.07 -14.16
N GLY A 10 -2.09 12.14 -14.80
CA GLY A 10 -3.52 12.41 -14.95
C GLY A 10 -4.28 11.27 -15.64
N MET A 11 -3.60 10.53 -16.50
CA MET A 11 -4.20 9.41 -17.24
C MET A 11 -4.32 8.14 -16.39
N TYR A 12 -3.57 8.08 -15.29
CA TYR A 12 -3.49 6.87 -14.46
C TYR A 12 -4.22 7.00 -13.14
N ILE A 13 -4.19 8.20 -12.56
CA ILE A 13 -4.84 8.41 -11.26
C ILE A 13 -5.93 9.49 -11.28
N GLY A 14 -6.21 10.03 -12.46
CA GLY A 14 -7.33 10.91 -12.63
C GLY A 14 -7.10 12.35 -12.26
N SER A 15 -6.22 12.59 -11.30
CA SER A 15 -5.94 13.94 -10.87
C SER A 15 -4.62 13.98 -10.14
N THR A 16 -3.91 15.10 -10.21
CA THR A 16 -2.69 15.23 -9.40
C THR A 16 -2.92 16.16 -8.20
N SER A 17 -4.19 16.51 -7.98
CA SER A 17 -4.60 17.30 -6.82
C SER A 17 -4.70 16.40 -5.59
N GLY A 18 -5.26 16.94 -4.50
CA GLY A 18 -5.57 16.12 -3.32
C GLY A 18 -6.34 14.84 -3.60
N GLU A 19 -7.22 14.86 -4.60
CA GLU A 19 -7.97 13.66 -4.98
C GLU A 19 -7.03 12.53 -5.42
N GLY A 20 -6.06 12.84 -6.27
CA GLY A 20 -5.09 11.84 -6.70
C GLY A 20 -4.20 11.36 -5.57
N LEU A 21 -3.84 12.29 -4.68
CA LEU A 21 -2.99 11.98 -3.53
C LEU A 21 -3.66 10.88 -2.69
N HIS A 22 -4.97 11.02 -2.48
CA HIS A 22 -5.73 10.03 -1.71
C HIS A 22 -5.96 8.76 -2.48
N HIS A 23 -6.13 8.88 -3.81
CA HIS A 23 -6.25 7.70 -4.66
C HIS A 23 -5.10 6.72 -4.52
N LEU A 24 -3.88 7.24 -4.28
CA LEU A 24 -2.72 6.36 -4.08
C LEU A 24 -2.96 5.38 -2.95
N VAL A 25 -3.55 5.86 -1.85
CA VAL A 25 -3.86 4.99 -0.71
C VAL A 25 -4.78 3.83 -1.13
N TRP A 26 -5.86 4.16 -1.86
CA TRP A 26 -6.83 3.13 -2.26
C TRP A 26 -6.27 2.12 -3.21
N GLU A 27 -5.34 2.56 -4.06
CA GLU A 27 -4.68 1.63 -4.97
C GLU A 27 -3.90 0.54 -4.23
N ILE A 28 -3.28 0.90 -3.10
CA ILE A 28 -2.58 -0.09 -2.28
C ILE A 28 -3.57 -0.89 -1.44
N VAL A 29 -4.44 -0.18 -0.72
CA VAL A 29 -5.46 -0.82 0.14
C VAL A 29 -6.31 -1.85 -0.64
N ASP A 30 -6.69 -1.53 -1.87
CA ASP A 30 -7.49 -2.46 -2.70
C ASP A 30 -6.82 -3.82 -2.86
N ASN A 31 -5.48 -3.83 -2.99
CA ASN A 31 -4.73 -5.07 -3.07
C ASN A 31 -4.82 -5.91 -1.79
N SER A 32 -4.78 -5.24 -0.63
CA SER A 32 -4.97 -5.93 0.65
C SER A 32 -6.40 -6.48 0.79
N ILE A 33 -7.37 -5.71 0.32
CA ILE A 33 -8.77 -6.12 0.28
CA ILE A 33 -8.76 -6.16 0.32
C ILE A 33 -8.93 -7.38 -0.57
N ASP A 34 -8.24 -7.42 -1.72
CA ASP A 34 -8.31 -8.60 -2.58
C ASP A 34 -7.80 -9.84 -1.85
N GLU A 35 -6.79 -9.64 -1.00
CA GLU A 35 -6.20 -10.74 -0.24
C GLU A 35 -7.10 -11.16 0.94
N ALA A 36 -7.93 -10.22 1.42
CA ALA A 36 -8.99 -10.56 2.37
C ALA A 36 -10.10 -11.36 1.67
N LEU A 37 -10.42 -10.95 0.45
CA LEU A 37 -11.42 -11.67 -0.36
C LEU A 37 -10.99 -13.09 -0.67
N ALA A 38 -9.69 -13.27 -0.90
CA ALA A 38 -9.13 -14.60 -1.17
C ALA A 38 -9.25 -15.49 0.07
N GLY A 39 -9.43 -14.84 1.23
CA GLY A 39 -9.72 -15.52 2.49
C GLY A 39 -8.56 -15.55 3.48
N PHE A 40 -7.47 -14.87 3.15
CA PHE A 40 -6.25 -14.97 3.95
C PHE A 40 -5.99 -13.76 4.83
N ALA A 41 -6.21 -12.54 4.32
CA ALA A 41 -6.03 -11.36 5.16
C ALA A 41 -7.24 -11.13 6.06
N LYS A 42 -6.98 -10.82 7.33
CA LYS A 42 -8.06 -10.57 8.29
C LYS A 42 -8.03 -9.15 8.83
N SER A 43 -6.86 -8.52 8.75
CA SER A 43 -6.73 -7.16 9.27
CA SER A 43 -6.66 -7.19 9.32
C SER A 43 -5.83 -6.30 8.41
N ILE A 44 -6.24 -5.04 8.24
CA ILE A 44 -5.51 -4.07 7.46
C ILE A 44 -5.32 -2.82 8.30
N GLN A 45 -4.09 -2.32 8.37
CA GLN A 45 -3.82 -1.04 9.03
C GLN A 45 -3.36 -0.04 8.00
N VAL A 46 -3.98 1.13 7.99
CA VAL A 46 -3.51 2.27 7.19
C VAL A 46 -2.98 3.33 8.15
N ILE A 47 -1.77 3.80 7.91
CA ILE A 47 -1.13 4.77 8.81
C ILE A 47 -0.65 5.99 8.02
N ILE A 48 -1.08 7.18 8.45
CA ILE A 48 -0.47 8.41 7.95
C ILE A 48 0.71 8.67 8.88
N GLU A 49 1.92 8.56 8.32
CA GLU A 49 3.13 8.74 9.10
C GLU A 49 3.37 10.24 9.38
N PRO A 50 4.28 10.57 10.32
CA PRO A 50 4.43 11.99 10.71
C PRO A 50 4.86 12.90 9.57
N ASP A 51 5.40 12.33 8.50
CA ASP A 51 5.88 13.09 7.36
C ASP A 51 4.93 13.05 6.17
N ASP A 52 3.66 12.69 6.42
CA ASP A 52 2.63 12.55 5.36
C ASP A 52 2.89 11.39 4.41
N SER A 53 3.83 10.50 4.76
CA SER A 53 3.96 9.24 4.02
C SER A 53 2.89 8.25 4.51
N ILE A 54 2.69 7.16 3.75
CA ILE A 54 1.63 6.19 4.04
C ILE A 54 2.21 4.79 4.24
N THR A 55 1.74 4.10 5.28
CA THR A 55 2.05 2.68 5.49
C THR A 55 0.76 1.89 5.47
N VAL A 56 0.75 0.80 4.70
CA VAL A 56 -0.38 -0.14 4.67
C VAL A 56 0.16 -1.51 5.09
N ILE A 57 -0.43 -2.08 6.13
CA ILE A 57 0.01 -3.36 6.69
C ILE A 57 -1.15 -4.34 6.60
N ASP A 58 -0.93 -5.50 5.97
CA ASP A 58 -1.93 -6.57 6.06
C ASP A 58 -1.31 -7.85 6.62
N ASP A 59 -2.17 -8.81 6.97
CA ASP A 59 -1.71 -10.09 7.49
C ASP A 59 -2.13 -11.24 6.56
N GLY A 60 -2.13 -10.97 5.26
CA GLY A 60 -2.36 -12.00 4.26
C GLY A 60 -1.15 -12.93 4.10
N ARG A 61 -1.14 -13.61 2.96
CA ARG A 61 -0.11 -14.61 2.70
C ARG A 61 1.27 -14.01 2.47
N GLY A 62 1.29 -12.75 2.02
CA GLY A 62 2.51 -12.13 1.53
C GLY A 62 2.61 -12.27 0.01
N ILE A 63 2.90 -11.16 -0.68
CA ILE A 63 3.09 -11.20 -2.15
C ILE A 63 4.11 -12.28 -2.51
N PRO A 64 3.82 -13.08 -3.56
CA PRO A 64 4.78 -14.11 -3.99
C PRO A 64 6.15 -13.52 -4.27
N VAL A 65 7.18 -14.23 -3.84
CA VAL A 65 8.55 -13.73 -3.94
C VAL A 65 9.38 -14.58 -4.90
N GLY A 66 8.82 -15.67 -5.39
CA GLY A 66 9.56 -16.51 -6.29
C GLY A 66 9.83 -15.91 -7.65
N ILE A 67 10.91 -16.37 -8.26
CA ILE A 67 11.21 -15.98 -9.61
C ILE A 67 10.17 -16.47 -10.61
N GLN A 68 9.77 -15.62 -11.53
CA GLN A 68 8.87 -16.01 -12.58
C GLN A 68 9.64 -16.36 -13.85
N ALA A 69 9.25 -17.45 -14.50
CA ALA A 69 9.93 -17.88 -15.73
C ALA A 69 9.88 -16.83 -16.84
N LYS A 70 8.73 -16.17 -16.96
CA LYS A 70 8.52 -15.16 -17.98
C LYS A 70 9.33 -13.88 -17.83
N THR A 71 9.79 -13.58 -16.62
CA THR A 71 10.51 -12.32 -16.37
C THR A 71 11.94 -12.52 -15.87
N GLY A 72 12.18 -13.67 -15.23
CA GLY A 72 13.45 -13.91 -14.55
C GLY A 72 13.63 -13.08 -13.30
N ARG A 73 12.55 -12.44 -12.84
CA ARG A 73 12.56 -11.57 -11.66
C ARG A 73 11.57 -12.09 -10.61
N PRO A 74 11.79 -11.77 -9.31
CA PRO A 74 10.79 -12.15 -8.30
C PRO A 74 9.42 -11.51 -8.60
N ALA A 75 8.34 -12.25 -8.37
CA ALA A 75 6.99 -11.75 -8.65
C ALA A 75 6.74 -10.41 -7.97
N VAL A 76 7.17 -10.29 -6.72
CA VAL A 76 6.96 -9.04 -5.96
C VAL A 76 7.59 -7.82 -6.65
N GLU A 77 8.79 -7.99 -7.22
CA GLU A 77 9.42 -6.89 -7.96
C GLU A 77 8.56 -6.47 -9.14
N THR A 78 8.07 -7.43 -9.91
CA THR A 78 7.19 -7.18 -11.06
C THR A 78 5.92 -6.40 -10.67
N VAL A 79 5.33 -6.74 -9.51
CA VAL A 79 4.15 -6.04 -9.01
C VAL A 79 4.37 -4.52 -8.98
N PHE A 80 5.57 -4.10 -8.55
CA PHE A 80 5.86 -2.69 -8.37
C PHE A 80 6.56 -1.99 -9.54
N THR A 81 7.08 -2.77 -10.48
CA THR A 81 7.92 -2.20 -11.54
C THR A 81 7.33 -2.29 -12.93
N VAL A 82 6.23 -3.03 -13.09
CA VAL A 82 5.63 -3.24 -14.41
C VAL A 82 4.19 -2.75 -14.43
N LEU A 83 3.88 -1.92 -15.43
CA LEU A 83 2.55 -1.33 -15.58
C LEU A 83 1.53 -2.35 -16.04
N VAL A 103 -4.52 -3.52 -9.90
CA VAL A 103 -3.36 -3.54 -10.80
C VAL A 103 -2.55 -2.25 -10.68
N GLY A 104 -2.79 -1.51 -9.61
CA GLY A 104 -2.23 -0.17 -9.48
C GLY A 104 -0.97 0.00 -8.66
N SER A 105 -0.42 -1.07 -8.10
CA SER A 105 0.76 -0.92 -7.22
C SER A 105 1.93 -0.22 -7.90
N SER A 106 2.18 -0.56 -9.16
CA SER A 106 3.30 0.06 -9.89
C SER A 106 3.04 1.55 -10.16
N VAL A 107 1.78 1.93 -10.32
CA VAL A 107 1.42 3.35 -10.48
C VAL A 107 1.76 4.14 -9.21
N VAL A 108 1.41 3.58 -8.04
CA VAL A 108 1.76 4.20 -6.76
C VAL A 108 3.28 4.34 -6.65
N ASN A 109 4.00 3.27 -7.00
CA ASN A 109 5.44 3.29 -7.00
C ASN A 109 6.01 4.43 -7.87
N ALA A 110 5.54 4.50 -9.11
CA ALA A 110 6.01 5.52 -10.04
C ALA A 110 5.82 6.95 -9.54
N LEU A 111 4.74 7.19 -8.80
CA LEU A 111 4.37 8.55 -8.37
C LEU A 111 4.81 8.86 -6.94
N SER A 112 5.71 8.02 -6.42
CA SER A 112 6.29 8.19 -5.09
C SER A 112 7.78 8.50 -5.18
N THR A 113 8.29 9.37 -4.30
CA THR A 113 9.76 9.56 -4.22
C THR A 113 10.43 8.25 -3.83
N SER A 114 9.74 7.49 -2.96
CA SER A 114 10.23 6.20 -2.49
CA SER A 114 10.23 6.20 -2.52
C SER A 114 9.06 5.29 -2.11
N LEU A 115 9.24 4.00 -2.38
CA LEU A 115 8.29 3.00 -1.92
C LEU A 115 9.13 1.83 -1.42
N ASP A 116 8.77 1.31 -0.26
CA ASP A 116 9.42 0.08 0.24
C ASP A 116 8.38 -0.98 0.54
N VAL A 117 8.70 -2.21 0.18
CA VAL A 117 7.82 -3.35 0.44
C VAL A 117 8.55 -4.36 1.34
N ARG A 118 7.83 -4.86 2.35
CA ARG A 118 8.31 -5.99 3.16
C ARG A 118 7.27 -7.08 3.07
N VAL A 119 7.73 -8.26 2.64
CA VAL A 119 6.89 -9.46 2.56
C VAL A 119 7.30 -10.42 3.68
N TYR A 120 6.34 -10.77 4.52
CA TYR A 120 6.56 -11.67 5.66
C TYR A 120 5.98 -13.03 5.27
N LYS A 121 6.86 -14.01 5.05
CA LYS A 121 6.45 -15.26 4.39
C LYS A 121 7.46 -16.34 4.71
N ASP A 122 6.96 -17.53 5.06
CA ASP A 122 7.81 -18.71 5.32
C ASP A 122 8.97 -18.43 6.26
N GLY A 123 8.70 -17.68 7.32
CA GLY A 123 9.68 -17.41 8.36
C GLY A 123 10.71 -16.34 8.03
N LYS A 124 10.54 -15.64 6.90
CA LYS A 124 11.51 -14.66 6.42
C LYS A 124 10.85 -13.32 6.06
N VAL A 125 11.60 -12.24 6.17
CA VAL A 125 11.16 -10.92 5.70
C VAL A 125 11.96 -10.54 4.46
N TYR A 126 11.26 -10.45 3.33
CA TYR A 126 11.84 -10.11 2.04
C TYR A 126 11.60 -8.63 1.81
N TYR A 127 12.64 -7.91 1.41
CA TYR A 127 12.59 -6.45 1.34
C TYR A 127 13.08 -5.95 0.00
N GLN A 128 12.35 -5.01 -0.58
CA GLN A 128 12.83 -4.26 -1.75
C GLN A 128 12.36 -2.81 -1.66
N GLU A 129 13.14 -1.92 -2.24
CA GLU A 129 12.80 -0.50 -2.26
C GLU A 129 13.03 0.08 -3.64
N TYR A 130 12.28 1.12 -3.97
CA TYR A 130 12.30 1.79 -5.27
C TYR A 130 12.37 3.29 -5.04
N ARG A 131 12.95 4.02 -5.98
CA ARG A 131 13.05 5.49 -5.87
C ARG A 131 12.53 6.10 -7.16
N ARG A 132 11.49 6.91 -7.05
CA ARG A 132 10.77 7.42 -8.22
C ARG A 132 10.52 6.31 -9.25
N GLY A 133 10.15 5.13 -8.73
CA GLY A 133 9.80 3.97 -9.55
C GLY A 133 10.95 3.02 -9.87
N ALA A 134 12.19 3.48 -9.72
CA ALA A 134 13.36 2.66 -10.08
C ALA A 134 13.86 1.78 -8.93
N VAL A 135 14.18 0.52 -9.25
CA VAL A 135 14.67 -0.44 -8.26
C VAL A 135 16.00 0.01 -7.64
N VAL A 136 16.08 -0.07 -6.30
CA VAL A 136 17.34 0.19 -5.60
C VAL A 136 18.25 -1.05 -5.63
N ASP A 137 17.73 -2.17 -5.16
CA ASP A 137 18.53 -3.40 -5.17
C ASP A 137 17.62 -4.61 -5.30
N ASP A 138 18.22 -5.76 -5.58
CA ASP A 138 17.49 -7.02 -5.69
C ASP A 138 16.79 -7.30 -4.37
N LEU A 139 15.63 -7.97 -4.45
CA LEU A 139 14.93 -8.46 -3.26
C LEU A 139 15.91 -9.19 -2.34
N LYS A 140 15.90 -8.85 -1.06
CA LYS A 140 16.82 -9.43 -0.08
C LYS A 140 16.05 -9.88 1.17
N VAL A 141 16.45 -11.02 1.75
CA VAL A 141 15.96 -11.41 3.07
C VAL A 141 16.71 -10.58 4.10
N ILE A 142 15.97 -9.83 4.92
CA ILE A 142 16.58 -8.92 5.89
C ILE A 142 16.40 -9.32 7.36
N GLU A 143 15.44 -10.18 7.62
CA GLU A 143 15.07 -10.58 8.99
C GLU A 143 14.40 -11.94 8.95
N GLU A 144 14.32 -12.59 10.10
CA GLU A 144 13.41 -13.71 10.28
C GLU A 144 12.12 -13.20 10.93
N THR A 145 11.03 -13.95 10.75
CA THR A 145 9.74 -13.52 11.28
C THR A 145 8.87 -14.73 11.57
N ASP A 146 7.90 -14.55 12.45
CA ASP A 146 6.89 -15.58 12.70
C ASP A 146 5.52 -15.15 12.17
N ARG A 147 5.45 -13.96 11.57
CA ARG A 147 4.17 -13.50 11.02
C ARG A 147 4.12 -13.64 9.50
N HIS A 148 2.95 -13.39 8.93
CA HIS A 148 2.77 -13.40 7.47
C HIS A 148 1.98 -12.19 7.06
N GLY A 149 2.30 -11.67 5.88
CA GLY A 149 1.56 -10.54 5.32
C GLY A 149 2.47 -9.68 4.49
N THR A 150 1.93 -8.54 4.04
CA THR A 150 2.68 -7.57 3.26
C THR A 150 2.54 -6.19 3.88
N THR A 151 3.64 -5.46 3.91
CA THR A 151 3.65 -4.07 4.35
C THR A 151 4.24 -3.22 3.24
N VAL A 152 3.45 -2.23 2.80
CA VAL A 152 3.90 -1.28 1.76
C VAL A 152 3.91 0.11 2.37
N HIS A 153 5.05 0.80 2.21
CA HIS A 153 5.17 2.19 2.67
C HIS A 153 5.63 3.06 1.53
N PHE A 154 4.95 4.19 1.32
CA PHE A 154 5.28 5.09 0.23
C PHE A 154 5.23 6.58 0.61
N ILE A 155 6.08 7.35 -0.06
CA ILE A 155 6.15 8.80 0.11
C ILE A 155 5.72 9.42 -1.21
N PRO A 156 4.49 9.98 -1.27
CA PRO A 156 4.07 10.59 -2.55
C PRO A 156 5.04 11.69 -3.04
N ASP A 157 5.22 11.76 -4.35
CA ASP A 157 6.24 12.67 -4.91
C ASP A 157 5.69 14.09 -5.06
N PRO A 158 6.27 15.09 -4.35
CA PRO A 158 5.80 16.47 -4.55
C PRO A 158 6.07 17.04 -5.95
N GLU A 159 6.92 16.38 -6.74
CA GLU A 159 7.10 16.76 -8.15
C GLU A 159 5.84 16.44 -8.95
N ILE A 160 5.05 15.47 -8.47
CA ILE A 160 3.80 15.08 -9.11
C ILE A 160 2.65 15.82 -8.43
N PHE A 161 2.62 15.74 -7.10
CA PHE A 161 1.52 16.31 -6.31
C PHE A 161 1.91 17.72 -5.88
N THR A 162 1.83 18.62 -6.86
CA THR A 162 2.33 19.99 -6.70
C THR A 162 1.38 20.91 -5.93
N GLU A 163 0.11 20.53 -5.85
CA GLU A 163 -0.89 21.30 -5.11
C GLU A 163 -0.80 21.02 -3.61
N THR A 164 -0.79 19.75 -3.25
CA THR A 164 -0.71 19.34 -1.84
C THR A 164 -0.17 17.90 -1.69
N THR A 165 0.64 17.69 -0.67
CA THR A 165 1.05 16.35 -0.26
C THR A 165 0.53 16.03 1.13
N VAL A 166 -0.44 16.83 1.60
CA VAL A 166 -0.96 16.68 2.97
C VAL A 166 -2.25 15.85 2.99
N TYR A 167 -2.23 14.77 3.77
CA TYR A 167 -3.38 13.85 3.87
C TYR A 167 -4.51 14.37 4.76
N ASP A 168 -5.71 13.94 4.44
CA ASP A 168 -6.93 14.31 5.16
C ASP A 168 -7.40 13.06 5.92
N PHE A 169 -7.19 13.06 7.23
CA PHE A 169 -7.53 11.92 8.08
C PHE A 169 -9.03 11.58 7.99
N ASP A 170 -9.90 12.60 8.09
CA ASP A 170 -11.36 12.34 8.04
C ASP A 170 -11.76 11.70 6.71
N LYS A 171 -11.20 12.21 5.62
CA LYS A 171 -11.44 11.67 4.27
C LYS A 171 -11.05 10.20 4.20
N LEU A 172 -9.86 9.87 4.68
CA LEU A 172 -9.41 8.48 4.74
C LEU A 172 -10.28 7.61 5.66
N ALA A 173 -10.58 8.13 6.86
CA ALA A 173 -11.41 7.42 7.84
C ALA A 173 -12.79 7.08 7.28
N THR A 174 -13.39 8.04 6.58
CA THR A 174 -14.73 7.86 6.00
C THR A 174 -14.77 6.68 5.04
N ARG A 175 -13.80 6.63 4.12
CA ARG A 175 -13.70 5.52 3.17
C ARG A 175 -13.30 4.20 3.81
N VAL A 176 -12.42 4.24 4.81
CA VAL A 176 -12.03 3.03 5.54
C VAL A 176 -13.25 2.40 6.21
N ARG A 177 -14.11 3.24 6.79
CA ARG A 177 -15.35 2.75 7.40
C ARG A 177 -16.24 2.11 6.33
N GLU A 178 -16.39 2.77 5.19
CA GLU A 178 -17.15 2.25 4.04
C GLU A 178 -16.59 0.90 3.60
N LEU A 179 -15.26 0.80 3.51
CA LEU A 179 -14.62 -0.45 3.14
C LEU A 179 -14.84 -1.58 4.15
N ALA A 180 -14.82 -1.26 5.44
CA ALA A 180 -15.11 -2.24 6.48
C ALA A 180 -16.52 -2.81 6.31
N PHE A 181 -17.46 -1.92 6.02
CA PHE A 181 -18.86 -2.31 5.83
C PHE A 181 -19.03 -3.20 4.58
N LEU A 182 -18.44 -2.78 3.47
CA LEU A 182 -18.54 -3.53 2.21
C LEU A 182 -17.83 -4.87 2.30
N ASN A 183 -16.84 -4.95 3.18
CA ASN A 183 -16.08 -6.19 3.38
C ASN A 183 -16.34 -6.75 4.77
N ARG A 184 -17.63 -6.90 5.10
CA ARG A 184 -18.06 -7.35 6.42
C ARG A 184 -17.22 -8.54 6.94
N GLY A 185 -16.67 -8.37 8.13
CA GLY A 185 -15.78 -9.36 8.75
C GLY A 185 -14.36 -8.87 8.85
N LEU A 186 -13.97 -8.02 7.91
CA LEU A 186 -12.64 -7.42 7.88
C LEU A 186 -12.41 -6.49 9.07
N HIS A 187 -11.23 -6.56 9.66
CA HIS A 187 -10.74 -5.52 10.57
C HIS A 187 -9.90 -4.56 9.77
N ILE A 188 -10.26 -3.28 9.80
CA ILE A 188 -9.45 -2.25 9.11
C ILE A 188 -9.40 -1.00 9.98
N SER A 189 -8.20 -0.43 10.09
CA SER A 189 -8.02 0.75 10.90
C SER A 189 -7.33 1.86 10.13
N ILE A 190 -7.50 3.07 10.62
CA ILE A 190 -6.80 4.25 10.10
C ILE A 190 -6.16 5.00 11.27
N GLU A 191 -4.88 5.32 11.13
CA GLU A 191 -4.14 6.01 12.19
C GLU A 191 -3.44 7.25 11.66
N ASP A 192 -3.50 8.34 12.43
CA ASP A 192 -2.76 9.56 12.11
C ASP A 192 -1.66 9.69 13.15
N ARG A 193 -0.41 9.74 12.69
CA ARG A 193 0.74 9.92 13.59
C ARG A 193 1.32 11.34 13.51
N ARG A 194 0.62 12.25 12.83
CA ARG A 194 1.15 13.61 12.67
C ARG A 194 1.06 14.44 13.95
N GLU A 195 2.02 15.36 14.08
CA GLU A 195 2.24 16.17 15.29
C GLU A 195 0.97 16.92 15.68
N GLY A 196 0.60 16.80 16.97
CA GLY A 196 -0.51 17.56 17.54
C GLY A 196 -1.90 17.10 17.12
N GLN A 197 -2.00 15.93 16.49
CA GLN A 197 -3.29 15.47 15.97
C GLN A 197 -3.39 13.97 15.90
N GLU A 198 -2.56 13.29 16.69
CA GLU A 198 -2.56 11.82 16.71
C GLU A 198 -3.97 11.29 16.99
N ASP A 199 -4.39 10.30 16.21
CA ASP A 199 -5.74 9.74 16.30
C ASP A 199 -5.72 8.35 15.67
N LYS A 200 -6.69 7.51 16.04
CA LYS A 200 -6.84 6.20 15.42
C LYS A 200 -8.29 5.80 15.52
N LYS A 201 -8.81 5.23 14.43
CA LYS A 201 -10.16 4.70 14.42
C LYS A 201 -10.09 3.28 13.85
N GLU A 202 -10.75 2.35 14.53
CA GLU A 202 -10.73 0.94 14.14
C GLU A 202 -12.14 0.52 13.76
N TYR A 203 -12.30 -0.20 12.65
CA TYR A 203 -13.63 -0.61 12.19
C TYR A 203 -13.71 -2.11 12.00
N HIS A 204 -14.86 -2.67 12.35
CA HIS A 204 -15.11 -4.10 12.14
C HIS A 204 -16.59 -4.36 12.23
N TYR A 205 -17.18 -4.76 11.12
CA TYR A 205 -18.56 -5.23 11.11
C TYR A 205 -18.58 -6.77 11.24
N GLU A 206 -19.41 -7.25 12.16
CA GLU A 206 -19.41 -8.68 12.48
C GLU A 206 -20.10 -9.53 11.43
N GLY A 207 -19.60 -10.75 11.23
CA GLY A 207 -20.28 -11.75 10.39
C GLY A 207 -21.37 -12.51 11.14
N LEU A 208 -21.48 -13.81 10.88
CA LEU A 208 -22.54 -14.65 11.48
C LEU A 208 -22.47 -14.76 13.00
N GLU A 209 -21.28 -14.52 13.56
CA GLU A 209 -21.06 -14.55 15.01
C GLU A 209 -21.83 -13.47 15.77
N HIS A 210 -22.35 -12.48 15.06
CA HIS A 210 -23.09 -11.36 15.66
C HIS A 210 -24.27 -11.80 16.49
#